data_5B34
#
_entry.id   5B34
#
_cell.length_a   46.200
_cell.length_b   103.000
_cell.length_c   128.700
_cell.angle_alpha   90.00
_cell.angle_beta   90.00
_cell.angle_gamma   90.00
#
_symmetry.space_group_name_H-M   'C 2 2 21'
#
loop_
_entity.id
_entity.type
_entity.pdbx_description
1 polymer Bacteriorhodopsin
2 non-polymer RETINAL
3 non-polymer '2,4,6-tris(iodanyl)-5-(octanoylamino)benzene-1,3-dicarboxylic acid'
4 non-polymer N-OCTANE
5 non-polymer DODECANE
6 non-polymer DECANE
7 non-polymer HEXADECANE
8 non-polymer HEPTANE
9 non-polymer nonane
10 water water
#
_entity_poly.entity_id   1
_entity_poly.type   'polypeptide(L)'
_entity_poly.pdbx_seq_one_letter_code
;QAQITGRPEWIWLALGTALMGLGTLYFLVKGMGVSDPDAKKFYAITTLVPAIAFTMYLSMLLGYGLTMVPFGGEQNPIYW
ARYADWLFTTPLLLLDLALLVDADQGTILALVGADGIMIGTGLVGALTKVYSYRFVWWAISTAAMLYILYVLFFGFTSKA
ESMRPEVASTFKVLRNVTVVLWSAYPVVWLIGSEGAGIVPLNIETLLFMVLDVSAKVGFGLILLRSRAIFGEAEAPEPSA
GDGAAATSD
;
_entity_poly.pdbx_strand_id   A
#
# COMPACT_ATOMS: atom_id res chain seq x y z
N ARG A 7 3.73 -9.90 -22.87
CA ARG A 7 3.35 -9.15 -21.62
C ARG A 7 3.78 -7.67 -21.77
N PRO A 8 2.93 -6.81 -22.42
CA PRO A 8 3.29 -5.39 -22.65
C PRO A 8 3.53 -4.56 -21.38
N GLU A 9 2.95 -5.04 -20.27
CA GLU A 9 3.08 -4.43 -18.97
C GLU A 9 4.48 -4.61 -18.35
N TRP A 10 5.37 -5.43 -18.96
CA TRP A 10 6.76 -5.64 -18.47
C TRP A 10 7.48 -4.32 -18.21
N ILE A 11 7.27 -3.33 -19.09
CA ILE A 11 7.99 -2.07 -18.92
C ILE A 11 7.68 -1.35 -17.58
N TRP A 12 6.44 -1.44 -17.11
CA TRP A 12 6.06 -0.72 -15.89
C TRP A 12 6.46 -1.59 -14.71
N LEU A 13 6.44 -2.92 -14.89
CA LEU A 13 7.03 -3.81 -13.87
C LEU A 13 8.54 -3.55 -13.70
N ALA A 14 9.23 -3.23 -14.77
CA ALA A 14 10.65 -2.90 -14.70
C ALA A 14 10.94 -1.57 -14.05
N LEU A 15 10.18 -0.53 -14.41
CA LEU A 15 10.26 0.76 -13.78
C LEU A 15 9.92 0.73 -12.29
N GLY A 16 8.87 0.01 -11.92
CA GLY A 16 8.50 -0.15 -10.51
C GLY A 16 9.59 -0.88 -9.74
N THR A 17 10.17 -1.93 -10.32
CA THR A 17 11.33 -2.60 -9.71
C THR A 17 12.48 -1.62 -9.44
N ALA A 18 12.86 -0.89 -10.48
CA ALA A 18 13.96 0.05 -10.37
C ALA A 18 13.69 1.14 -9.33
N LEU A 19 12.47 1.68 -9.31
CA LEU A 19 12.10 2.71 -8.31
C LEU A 19 12.01 2.18 -6.90
N MET A 20 11.41 0.99 -6.72
CA MET A 20 11.36 0.39 -5.39
C MET A 20 12.78 0.10 -4.93
N GLY A 21 13.62 -0.39 -5.84
CA GLY A 21 15.04 -0.72 -5.50
C GLY A 21 15.86 0.50 -5.06
N LEU A 22 15.76 1.55 -5.82
CA LEU A 22 16.40 2.82 -5.48
C LEU A 22 15.90 3.45 -4.16
N GLY A 23 14.56 3.51 -3.97
CA GLY A 23 13.93 3.90 -2.72
C GLY A 23 14.52 3.16 -1.54
N THR A 24 14.57 1.83 -1.65
CA THR A 24 15.10 0.97 -0.57
C THR A 24 16.55 1.31 -0.26
N LEU A 25 17.37 1.38 -1.29
CA LEU A 25 18.79 1.68 -1.15
C LEU A 25 19.00 3.00 -0.49
N TYR A 26 18.27 4.01 -0.94
CA TYR A 26 18.37 5.35 -0.34
C TYR A 26 17.96 5.40 1.14
N PHE A 27 16.84 4.77 1.45
CA PHE A 27 16.35 4.73 2.80
C PHE A 27 17.34 3.95 3.72
N LEU A 28 17.87 2.83 3.22
CA LEU A 28 18.88 2.03 3.94
C LEU A 28 20.13 2.85 4.25
N VAL A 29 20.66 3.60 3.27
CA VAL A 29 21.87 4.37 3.48
C VAL A 29 21.62 5.45 4.53
N LYS A 30 20.56 6.22 4.34
CA LYS A 30 20.22 7.25 5.32
C LYS A 30 19.90 6.68 6.70
N GLY A 31 19.14 5.59 6.76
CA GLY A 31 18.82 4.92 8.03
C GLY A 31 20.04 4.37 8.81
N MET A 32 21.04 3.91 8.09
CA MET A 32 22.23 3.35 8.71
C MET A 32 23.07 4.47 9.39
N GLY A 33 23.01 5.69 8.86
CA GLY A 33 23.70 6.81 9.44
C GLY A 33 22.99 7.57 10.56
N VAL A 34 21.92 7.04 11.13
CA VAL A 34 21.06 7.77 12.08
C VAL A 34 21.32 7.15 13.47
N SER A 35 21.51 7.99 14.47
CA SER A 35 21.73 7.58 15.88
C SER A 35 20.48 7.62 16.72
N ASP A 36 19.65 8.66 16.51
CA ASP A 36 18.42 8.80 17.31
C ASP A 36 17.60 7.49 17.35
N PRO A 37 17.27 6.97 18.57
CA PRO A 37 16.58 5.67 18.66
C PRO A 37 15.15 5.68 18.10
N ASP A 38 14.47 6.81 18.27
CA ASP A 38 13.13 6.97 17.74
C ASP A 38 13.15 7.01 16.22
N ALA A 39 14.09 7.76 15.65
CA ALA A 39 14.16 7.98 14.24
C ALA A 39 14.45 6.65 13.57
N LYS A 40 15.27 5.84 14.23
CA LYS A 40 15.67 4.49 13.75
C LYS A 40 14.52 3.50 13.50
N LYS A 41 13.55 3.47 14.40
CA LYS A 41 12.37 2.63 14.30
C LYS A 41 11.57 2.96 13.02
N PHE A 42 11.45 4.26 12.75
CA PHE A 42 10.78 4.75 11.59
C PHE A 42 11.57 4.37 10.33
N TYR A 43 12.89 4.51 10.36
CA TYR A 43 13.73 3.99 9.26
C TYR A 43 13.60 2.51 9.00
N ALA A 44 13.60 1.71 10.05
CA ALA A 44 13.50 0.28 9.91
C ALA A 44 12.19 -0.12 9.24
N ILE A 45 11.05 0.35 9.77
CA ILE A 45 9.71 0.04 9.25
C ILE A 45 9.60 0.51 7.82
N THR A 46 10.08 1.73 7.57
CA THR A 46 9.90 2.38 6.27
C THR A 46 10.83 1.86 5.19
N THR A 47 12.01 1.35 5.54
CA THR A 47 12.91 0.81 4.55
C THR A 47 12.38 -0.55 4.07
N LEU A 48 11.74 -1.28 4.97
CA LEU A 48 11.14 -2.61 4.68
C LEU A 48 10.00 -2.53 3.62
N VAL A 49 9.27 -1.43 3.62
CA VAL A 49 8.14 -1.22 2.73
C VAL A 49 8.57 -1.27 1.27
N PRO A 50 9.52 -0.39 0.79
CA PRO A 50 9.90 -0.60 -0.59
C PRO A 50 10.71 -1.88 -0.85
N ALA A 51 11.33 -2.45 0.17
CA ALA A 51 12.07 -3.69 0.03
C ALA A 51 11.19 -4.83 -0.37
N ILE A 52 10.13 -5.01 0.39
CA ILE A 52 9.06 -5.97 0.07
C ILE A 52 8.45 -5.67 -1.30
N ALA A 53 8.12 -4.42 -1.60
CA ALA A 53 7.56 -4.08 -2.93
C ALA A 53 8.56 -4.45 -4.07
N PHE A 54 9.87 -4.21 -3.84
CA PHE A 54 10.91 -4.49 -4.82
C PHE A 54 10.95 -5.98 -5.20
N THR A 55 10.90 -6.81 -4.17
CA THR A 55 10.83 -8.28 -4.30
C THR A 55 9.66 -8.77 -5.16
N MET A 56 8.46 -8.24 -4.89
CA MET A 56 7.26 -8.66 -5.55
C MET A 56 7.25 -8.09 -6.98
N TYR A 57 7.71 -6.84 -7.17
CA TYR A 57 7.84 -6.27 -8.49
C TYR A 57 8.81 -7.09 -9.34
N LEU A 58 9.93 -7.53 -8.73
CA LEU A 58 10.95 -8.34 -9.41
C LEU A 58 10.39 -9.68 -9.81
N SER A 59 9.71 -10.33 -8.87
CA SER A 59 9.01 -11.55 -9.14
C SER A 59 8.11 -11.50 -10.37
N MET A 60 7.25 -10.49 -10.38
CA MET A 60 6.28 -10.30 -11.44
C MET A 60 6.95 -9.98 -12.77
N LEU A 61 8.01 -9.17 -12.74
CA LEU A 61 8.83 -8.89 -13.93
C LEU A 61 9.38 -10.18 -14.55
N LEU A 62 9.86 -11.09 -13.71
CA LEU A 62 10.41 -12.36 -14.14
C LEU A 62 9.36 -13.42 -14.44
N GLY A 63 8.08 -13.07 -14.36
CA GLY A 63 6.99 -13.92 -14.77
C GLY A 63 6.36 -14.72 -13.64
N TYR A 64 6.67 -14.46 -12.37
CA TYR A 64 5.97 -15.16 -11.27
C TYR A 64 4.80 -14.35 -10.71
N GLY A 65 4.01 -14.98 -9.84
CA GLY A 65 2.81 -14.37 -9.24
C GLY A 65 1.74 -13.90 -10.18
N LEU A 66 1.62 -14.56 -11.33
CA LEU A 66 0.57 -14.35 -12.35
C LEU A 66 -0.22 -15.66 -12.53
N THR A 67 -1.54 -15.62 -12.47
CA THR A 67 -2.37 -16.79 -12.74
C THR A 67 -3.49 -16.37 -13.69
N MET A 68 -4.13 -17.35 -14.28
CA MET A 68 -5.28 -17.18 -15.18
C MET A 68 -6.51 -17.57 -14.38
N VAL A 69 -7.52 -16.71 -14.42
CA VAL A 69 -8.76 -16.95 -13.71
C VAL A 69 -9.88 -16.79 -14.76
N PRO A 70 -10.73 -17.82 -14.89
CA PRO A 70 -11.87 -17.73 -15.79
C PRO A 70 -13.04 -16.96 -15.11
N PHE A 71 -13.60 -16.02 -15.83
CA PHE A 71 -14.86 -15.31 -15.49
C PHE A 71 -15.27 -14.51 -16.72
N GLY A 72 -16.56 -14.20 -16.88
CA GLY A 72 -17.04 -13.46 -18.05
C GLY A 72 -16.81 -14.17 -19.40
N GLY A 73 -16.63 -15.49 -19.39
CA GLY A 73 -16.35 -16.27 -20.61
C GLY A 73 -14.93 -16.17 -21.18
N GLU A 74 -14.01 -15.56 -20.45
CA GLU A 74 -12.61 -15.46 -20.87
C GLU A 74 -11.67 -15.99 -19.77
N GLN A 75 -10.42 -16.17 -20.14
CA GLN A 75 -9.38 -16.57 -19.25
C GLN A 75 -8.63 -15.29 -18.97
N ASN A 76 -8.66 -14.79 -17.71
CA ASN A 76 -8.09 -13.46 -17.40
C ASN A 76 -6.82 -13.57 -16.56
N PRO A 77 -5.78 -12.83 -16.94
CA PRO A 77 -4.55 -12.78 -16.19
C PRO A 77 -4.66 -11.92 -14.92
N ILE A 78 -4.35 -12.55 -13.78
CA ILE A 78 -4.45 -11.94 -12.46
C ILE A 78 -3.05 -12.04 -11.83
N TYR A 79 -2.44 -10.86 -11.56
CA TYR A 79 -1.21 -10.78 -10.75
C TYR A 79 -1.63 -10.81 -9.27
N TRP A 80 -1.51 -11.96 -8.67
CA TRP A 80 -1.77 -12.19 -7.28
C TRP A 80 -0.59 -11.83 -6.39
N ALA A 81 0.62 -11.70 -6.93
CA ALA A 81 1.77 -11.35 -6.08
C ALA A 81 1.60 -9.95 -5.47
N ARG A 82 0.76 -9.09 -6.10
CA ARG A 82 0.47 -7.76 -5.54
C ARG A 82 -0.05 -7.85 -4.12
N TYR A 83 -0.93 -8.83 -3.89
CA TYR A 83 -1.55 -9.02 -2.61
C TYR A 83 -0.55 -9.55 -1.57
N ALA A 84 0.45 -10.33 -2.02
CA ALA A 84 1.53 -10.81 -1.11
C ALA A 84 2.34 -9.59 -0.66
N ASP A 85 2.62 -8.67 -1.57
CA ASP A 85 3.23 -7.38 -1.26
C ASP A 85 2.33 -6.59 -0.27
N TRP A 86 1.09 -6.29 -0.66
CA TRP A 86 0.20 -5.42 0.11
C TRP A 86 -0.14 -5.93 1.49
N LEU A 87 -0.31 -7.24 1.63
CA LEU A 87 -0.51 -7.86 2.90
C LEU A 87 0.51 -7.43 3.96
N PHE A 88 1.78 -7.31 3.59
CA PHE A 88 2.85 -6.89 4.53
C PHE A 88 3.19 -5.40 4.50
N THR A 89 3.08 -4.75 3.35
CA THR A 89 3.46 -3.33 3.26
C THR A 89 2.42 -2.36 3.79
N THR A 90 1.14 -2.68 3.60
CA THR A 90 0.06 -1.78 4.06
C THR A 90 0.00 -1.67 5.61
N PRO A 91 0.15 -2.80 6.35
CA PRO A 91 0.16 -2.63 7.79
C PRO A 91 1.43 -1.91 8.33
N LEU A 92 2.55 -2.02 7.62
CA LEU A 92 3.75 -1.33 8.04
C LEU A 92 3.58 0.18 7.85
N LEU A 93 2.98 0.61 6.73
CA LEU A 93 2.64 2.04 6.54
C LEU A 93 1.70 2.58 7.63
N LEU A 94 0.68 1.80 7.95
CA LEU A 94 -0.22 2.14 9.09
C LEU A 94 0.53 2.26 10.41
N LEU A 95 1.48 1.34 10.64
CA LEU A 95 2.28 1.33 11.84
C LEU A 95 3.10 2.61 11.95
N ASP A 96 3.62 3.08 10.84
CA ASP A 96 4.32 4.35 10.78
C ASP A 96 3.44 5.45 11.29
N LEU A 97 2.19 5.50 10.78
CA LEU A 97 1.29 6.55 11.21
C LEU A 97 0.88 6.47 12.71
N ALA A 98 0.65 5.24 13.18
CA ALA A 98 0.25 4.97 14.56
C ALA A 98 1.37 5.33 15.56
N LEU A 99 2.62 5.06 15.23
CA LEU A 99 3.75 5.44 16.04
C LEU A 99 3.95 6.94 16.02
N LEU A 100 3.71 7.62 14.90
CA LEU A 100 3.78 9.08 14.91
C LEU A 100 2.80 9.80 15.91
N VAL A 101 1.61 9.24 16.08
CA VAL A 101 0.56 9.83 16.90
C VAL A 101 0.40 9.07 18.23
N ASP A 102 1.27 8.08 18.52
CA ASP A 102 1.19 7.15 19.67
C ASP A 102 -0.18 6.55 19.81
N ALA A 103 -0.68 5.89 18.79
CA ALA A 103 -1.95 5.28 18.91
C ALA A 103 -1.82 4.18 19.98
N ASP A 104 -2.88 3.79 20.64
CA ASP A 104 -2.76 2.62 21.52
C ASP A 104 -2.90 1.30 20.78
N GLN A 105 -2.46 0.28 21.48
CA GLN A 105 -2.36 -1.07 21.07
C GLN A 105 -3.63 -1.63 20.44
N GLY A 106 -4.78 -1.40 21.07
CA GLY A 106 -6.05 -1.92 20.58
C GLY A 106 -6.45 -1.30 19.25
N THR A 107 -6.15 -0.02 19.10
CA THR A 107 -6.39 0.71 17.85
C THR A 107 -5.48 0.11 16.77
N ILE A 108 -4.18 -0.14 17.09
CA ILE A 108 -3.27 -0.73 16.14
C ILE A 108 -3.80 -2.11 15.68
N LEU A 109 -4.26 -2.90 16.64
CA LEU A 109 -4.75 -4.23 16.36
C LEU A 109 -5.99 -4.17 15.48
N ALA A 110 -6.90 -3.26 15.76
CA ALA A 110 -8.09 -3.08 14.93
C ALA A 110 -7.77 -2.68 13.47
N LEU A 111 -6.85 -1.73 13.30
CA LEU A 111 -6.38 -1.32 11.96
C LEU A 111 -5.63 -2.39 11.18
N VAL A 112 -4.73 -3.10 11.84
CA VAL A 112 -4.01 -4.19 11.22
C VAL A 112 -4.97 -5.29 10.84
N GLY A 113 -5.92 -5.62 11.69
CA GLY A 113 -6.91 -6.61 11.34
C GLY A 113 -7.86 -6.25 10.20
N ALA A 114 -8.43 -5.03 10.22
CA ALA A 114 -9.19 -4.52 9.10
C ALA A 114 -8.36 -4.55 7.80
N ASP A 115 -7.08 -4.19 7.90
CA ASP A 115 -6.16 -4.23 6.79
C ASP A 115 -6.01 -5.65 6.23
N GLY A 116 -5.81 -6.64 7.09
CA GLY A 116 -5.81 -8.05 6.70
C GLY A 116 -7.07 -8.47 5.96
N ILE A 117 -8.23 -8.01 6.44
CA ILE A 117 -9.52 -8.29 5.80
C ILE A 117 -9.57 -7.64 4.44
N MET A 118 -9.12 -6.39 4.38
CA MET A 118 -9.10 -5.64 3.12
C MET A 118 -8.28 -6.41 2.06
N ILE A 119 -7.07 -6.84 2.44
CA ILE A 119 -6.17 -7.48 1.47
C ILE A 119 -6.68 -8.86 1.15
N GLY A 120 -7.08 -9.60 2.17
CA GLY A 120 -7.53 -10.97 1.97
C GLY A 120 -8.81 -11.11 1.14
N THR A 121 -9.80 -10.28 1.41
CA THR A 121 -11.02 -10.27 0.61
C THR A 121 -10.78 -9.78 -0.81
N GLY A 122 -9.84 -8.87 -0.99
CA GLY A 122 -9.47 -8.39 -2.32
C GLY A 122 -8.88 -9.50 -3.14
N LEU A 123 -8.03 -10.30 -2.48
CA LEU A 123 -7.39 -11.44 -3.12
C LEU A 123 -8.45 -12.49 -3.47
N VAL A 124 -9.32 -12.79 -2.54
CA VAL A 124 -10.38 -13.73 -2.82
C VAL A 124 -11.22 -13.25 -4.01
N GLY A 125 -11.60 -11.98 -4.02
CA GLY A 125 -12.35 -11.37 -5.12
C GLY A 125 -11.61 -11.46 -6.47
N ALA A 126 -10.29 -11.27 -6.41
CA ALA A 126 -9.44 -11.35 -7.61
C ALA A 126 -9.39 -12.77 -8.20
N LEU A 127 -9.66 -13.79 -7.38
CA LEU A 127 -9.60 -15.20 -7.82
C LEU A 127 -10.94 -15.85 -8.02
N THR A 128 -12.03 -15.16 -7.68
CA THR A 128 -13.35 -15.67 -7.78
C THR A 128 -13.75 -15.84 -9.27
N LYS A 129 -14.37 -17.00 -9.55
CA LYS A 129 -14.73 -17.40 -10.90
C LYS A 129 -16.15 -16.97 -11.32
N VAL A 130 -17.02 -16.64 -10.36
CA VAL A 130 -18.37 -16.18 -10.62
C VAL A 130 -18.29 -14.66 -10.67
N TYR A 131 -18.58 -14.05 -11.83
CA TYR A 131 -18.28 -12.64 -12.11
C TYR A 131 -18.86 -11.68 -11.10
N SER A 132 -20.12 -11.95 -10.80
CA SER A 132 -20.88 -11.20 -9.82
C SER A 132 -20.32 -11.25 -8.40
N TYR A 133 -19.85 -12.42 -7.96
CA TYR A 133 -19.32 -12.50 -6.60
C TYR A 133 -17.96 -11.80 -6.40
N ARG A 134 -17.20 -11.61 -7.49
CA ARG A 134 -16.00 -10.82 -7.49
C ARG A 134 -16.25 -9.45 -6.85
N PHE A 135 -17.38 -8.85 -7.22
CA PHE A 135 -17.71 -7.51 -6.77
C PHE A 135 -18.22 -7.51 -5.36
N VAL A 136 -18.73 -8.66 -4.87
CA VAL A 136 -19.12 -8.79 -3.46
C VAL A 136 -17.85 -8.67 -2.61
N TRP A 137 -16.78 -9.39 -3.01
CA TRP A 137 -15.54 -9.35 -2.30
C TRP A 137 -14.94 -7.93 -2.34
N TRP A 138 -14.89 -7.36 -3.56
CA TRP A 138 -14.47 -5.98 -3.76
C TRP A 138 -15.16 -5.03 -2.77
N ALA A 139 -16.48 -5.16 -2.61
CA ALA A 139 -17.27 -4.29 -1.73
C ALA A 139 -16.90 -4.43 -0.25
N ILE A 140 -16.69 -5.66 0.17
CA ILE A 140 -16.26 -5.92 1.53
C ILE A 140 -14.86 -5.37 1.77
N SER A 141 -13.95 -5.60 0.83
CA SER A 141 -12.61 -5.08 0.91
C SER A 141 -12.58 -3.53 1.01
N THR A 142 -13.42 -2.90 0.21
CA THR A 142 -13.56 -1.44 0.20
C THR A 142 -14.13 -0.90 1.52
N ALA A 143 -15.10 -1.59 2.10
CA ALA A 143 -15.62 -1.22 3.37
C ALA A 143 -14.56 -1.32 4.47
N ALA A 144 -13.77 -2.39 4.49
CA ALA A 144 -12.68 -2.47 5.46
C ALA A 144 -11.74 -1.28 5.28
N MET A 145 -11.47 -0.92 4.01
CA MET A 145 -10.60 0.21 3.70
C MET A 145 -11.15 1.52 4.23
N LEU A 146 -12.44 1.70 4.12
CA LEU A 146 -13.08 2.92 4.49
C LEU A 146 -13.05 3.03 6.01
N TYR A 147 -13.20 1.88 6.69
CA TYR A 147 -13.03 1.87 8.16
C TYR A 147 -11.63 2.40 8.57
N ILE A 148 -10.59 1.94 7.89
CA ILE A 148 -9.21 2.38 8.14
C ILE A 148 -9.07 3.88 7.93
N LEU A 149 -9.55 4.31 6.79
CA LEU A 149 -9.56 5.75 6.44
C LEU A 149 -10.29 6.60 7.45
N TYR A 150 -11.41 6.09 7.93
CA TYR A 150 -12.15 6.80 8.99
C TYR A 150 -11.32 7.00 10.27
N VAL A 151 -10.69 5.92 10.75
CA VAL A 151 -9.90 5.94 11.95
C VAL A 151 -8.73 6.86 11.74
N LEU A 152 -8.07 6.77 10.57
CA LEU A 152 -6.93 7.68 10.31
C LEU A 152 -7.32 9.14 10.30
N PHE A 153 -8.46 9.45 9.64
CA PHE A 153 -8.93 10.82 9.51
C PHE A 153 -9.51 11.39 10.81
N PHE A 154 -10.48 10.72 11.42
CA PHE A 154 -11.03 11.13 12.71
C PHE A 154 -10.16 10.75 13.93
N GLY A 155 -9.84 9.47 14.12
CA GLY A 155 -9.15 9.06 15.34
C GLY A 155 -7.74 9.57 15.43
N PHE A 156 -6.91 9.31 14.42
CA PHE A 156 -5.49 9.67 14.51
C PHE A 156 -5.26 11.19 14.53
N THR A 157 -6.09 11.94 13.82
CA THR A 157 -5.97 13.40 13.79
C THR A 157 -6.19 13.97 15.16
N SER A 158 -7.16 13.44 15.86
CA SER A 158 -7.35 13.88 17.28
C SER A 158 -6.08 13.59 18.13
N LYS A 159 -5.51 12.38 18.01
CA LYS A 159 -4.25 12.01 18.72
C LYS A 159 -3.06 12.90 18.31
N ALA A 160 -2.96 13.21 17.02
CA ALA A 160 -1.85 14.03 16.55
C ALA A 160 -1.86 15.46 17.10
N GLU A 161 -3.05 15.98 17.41
CA GLU A 161 -3.23 17.33 17.90
C GLU A 161 -2.76 17.46 19.36
N SER A 162 -2.54 16.36 20.07
CA SER A 162 -1.91 16.48 21.36
C SER A 162 -0.36 16.48 21.27
N MET A 163 0.20 16.42 20.07
CA MET A 163 1.62 16.34 19.90
C MET A 163 2.08 17.72 19.55
N ARG A 164 3.40 17.94 19.52
CA ARG A 164 3.88 19.25 19.08
C ARG A 164 3.52 19.50 17.60
N PRO A 165 3.34 20.76 17.21
CA PRO A 165 2.85 21.10 15.87
C PRO A 165 3.58 20.50 14.68
N GLU A 166 4.90 20.33 14.80
CA GLU A 166 5.71 19.77 13.76
C GLU A 166 5.32 18.27 13.57
N VAL A 167 4.97 17.56 14.64
CA VAL A 167 4.49 16.16 14.52
C VAL A 167 3.08 16.14 13.89
N ALA A 168 2.17 16.94 14.43
CA ALA A 168 0.82 17.08 13.90
C ALA A 168 0.79 17.43 12.37
N SER A 169 1.66 18.35 11.95
CA SER A 169 1.75 18.83 10.58
C SER A 169 2.18 17.71 9.62
N THR A 170 3.24 16.99 9.99
CA THR A 170 3.76 15.82 9.29
C THR A 170 2.72 14.72 9.23
N PHE A 171 2.08 14.41 10.36
CA PHE A 171 0.96 13.45 10.33
C PHE A 171 -0.09 13.88 9.30
N LYS A 172 -0.44 15.16 9.27
CA LYS A 172 -1.53 15.59 8.39
C LYS A 172 -1.20 15.37 6.94
N VAL A 173 0.02 15.73 6.54
CA VAL A 173 0.48 15.56 5.16
C VAL A 173 0.45 14.07 4.83
N LEU A 174 0.98 13.22 5.73
CA LEU A 174 1.01 11.78 5.47
C LEU A 174 -0.40 11.21 5.43
N ARG A 175 -1.26 11.68 6.33
CA ARG A 175 -2.64 11.29 6.32
C ARG A 175 -3.31 11.62 4.98
N ASN A 176 -3.05 12.81 4.46
CA ASN A 176 -3.72 13.31 3.26
C ASN A 176 -3.25 12.55 2.04
N VAL A 177 -1.95 12.23 2.02
CA VAL A 177 -1.34 11.37 0.99
C VAL A 177 -2.00 10.01 0.96
N THR A 178 -2.13 9.42 2.15
CA THR A 178 -2.72 8.12 2.34
C THR A 178 -4.19 8.11 1.89
N VAL A 179 -5.00 9.03 2.36
CA VAL A 179 -6.42 9.03 1.97
C VAL A 179 -6.51 9.11 0.46
N VAL A 180 -5.77 10.04 -0.16
CA VAL A 180 -5.91 10.24 -1.61
C VAL A 180 -5.39 9.03 -2.36
N LEU A 181 -4.18 8.55 -2.00
CA LEU A 181 -3.62 7.39 -2.72
C LEU A 181 -4.39 6.06 -2.51
N TRP A 182 -4.77 5.74 -1.27
CA TRP A 182 -5.48 4.46 -0.98
C TRP A 182 -6.89 4.40 -1.63
N SER A 183 -7.60 5.53 -1.62
CA SER A 183 -8.88 5.75 -2.31
C SER A 183 -8.92 5.31 -3.75
N ALA A 184 -7.82 5.54 -4.47
CA ALA A 184 -7.74 5.25 -5.91
C ALA A 184 -7.67 3.72 -6.17
N TYR A 185 -7.08 2.93 -5.26
CA TYR A 185 -6.88 1.47 -5.52
C TYR A 185 -8.18 0.70 -5.84
N PRO A 186 -9.26 0.88 -5.05
CA PRO A 186 -10.47 0.15 -5.39
C PRO A 186 -11.05 0.55 -6.74
N VAL A 187 -10.83 1.80 -7.16
CA VAL A 187 -11.28 2.25 -8.44
C VAL A 187 -10.54 1.62 -9.57
N VAL A 188 -9.22 1.56 -9.45
CA VAL A 188 -8.39 0.91 -10.45
C VAL A 188 -8.84 -0.55 -10.59
N TRP A 189 -9.04 -1.22 -9.48
CA TRP A 189 -9.38 -2.62 -9.51
C TRP A 189 -10.72 -2.77 -10.22
N LEU A 190 -11.71 -1.98 -9.80
CA LEU A 190 -13.08 -2.02 -10.37
C LEU A 190 -13.09 -1.91 -11.92
N ILE A 191 -12.26 -1.01 -12.45
CA ILE A 191 -12.24 -0.71 -13.87
C ILE A 191 -11.23 -1.48 -14.67
N GLY A 192 -10.26 -2.12 -13.99
CA GLY A 192 -9.23 -2.82 -14.67
C GLY A 192 -9.57 -4.26 -14.92
N SER A 193 -8.51 -5.03 -15.13
CA SER A 193 -8.57 -6.45 -15.53
C SER A 193 -9.18 -7.35 -14.45
N GLU A 194 -9.16 -6.95 -13.19
CA GLU A 194 -9.82 -7.75 -12.13
C GLU A 194 -11.32 -7.59 -12.03
N GLY A 195 -11.84 -6.46 -12.49
CA GLY A 195 -13.24 -6.10 -12.33
C GLY A 195 -13.88 -5.99 -13.70
N ALA A 196 -14.15 -4.76 -14.14
CA ALA A 196 -14.97 -4.48 -15.30
C ALA A 196 -14.23 -4.78 -16.57
N GLY A 197 -12.91 -4.71 -16.58
CA GLY A 197 -12.15 -5.07 -17.79
C GLY A 197 -12.10 -3.97 -18.81
N ILE A 198 -12.17 -2.72 -18.39
CA ILE A 198 -12.24 -1.57 -19.26
C ILE A 198 -10.84 -1.09 -19.55
N VAL A 199 -10.06 -0.96 -18.50
CA VAL A 199 -8.68 -0.49 -18.61
C VAL A 199 -7.86 -1.80 -18.80
N PRO A 200 -7.09 -1.90 -19.90
CA PRO A 200 -6.26 -3.09 -20.14
C PRO A 200 -5.09 -3.14 -19.14
N LEU A 201 -4.59 -4.35 -19.02
CA LEU A 201 -3.58 -4.75 -18.03
C LEU A 201 -2.36 -3.87 -18.04
N ASN A 202 -1.88 -3.49 -19.22
CA ASN A 202 -0.74 -2.59 -19.29
C ASN A 202 -0.90 -1.22 -18.65
N ILE A 203 -2.02 -0.56 -18.93
CA ILE A 203 -2.33 0.76 -18.36
C ILE A 203 -2.58 0.59 -16.85
N GLU A 204 -3.28 -0.48 -16.49
CA GLU A 204 -3.54 -0.76 -15.10
C GLU A 204 -2.23 -0.96 -14.28
N THR A 205 -1.27 -1.63 -14.89
CA THR A 205 0.03 -1.88 -14.29
C THR A 205 0.77 -0.56 -14.12
N LEU A 206 0.64 0.34 -15.10
CA LEU A 206 1.14 1.71 -14.97
C LEU A 206 0.52 2.41 -13.76
N LEU A 207 -0.80 2.35 -13.64
CA LEU A 207 -1.51 3.02 -12.56
C LEU A 207 -1.11 2.50 -11.18
N PHE A 208 -1.07 1.18 -11.03
CA PHE A 208 -0.70 0.57 -9.75
C PHE A 208 0.76 0.91 -9.42
N MET A 209 1.59 1.00 -10.44
CA MET A 209 3.02 1.39 -10.26
C MET A 209 3.18 2.79 -9.78
N VAL A 210 2.43 3.74 -10.36
CA VAL A 210 2.45 5.13 -9.92
C VAL A 210 1.90 5.23 -8.48
N LEU A 211 0.81 4.54 -8.21
CA LEU A 211 0.25 4.50 -6.86
C LEU A 211 1.20 3.87 -5.82
N ASP A 212 1.77 2.72 -6.16
CA ASP A 212 2.65 2.00 -5.27
C ASP A 212 3.90 2.83 -4.95
N VAL A 213 4.54 3.38 -5.97
CA VAL A 213 5.74 4.21 -5.72
C VAL A 213 5.41 5.41 -4.88
N SER A 214 4.29 6.08 -5.20
CA SER A 214 3.85 7.24 -4.43
C SER A 214 3.48 6.90 -2.96
N ALA A 215 2.71 5.82 -2.76
CA ALA A 215 2.30 5.40 -1.45
C ALA A 215 3.45 4.87 -0.55
N LYS A 216 4.56 4.47 -1.17
CA LYS A 216 5.68 3.82 -0.47
C LYS A 216 6.91 4.71 -0.43
N VAL A 217 7.47 5.05 -1.59
CA VAL A 217 8.70 5.88 -1.66
C VAL A 217 8.38 7.35 -1.41
N GLY A 218 7.29 7.84 -2.03
CA GLY A 218 6.83 9.20 -1.80
C GLY A 218 6.51 9.45 -0.33
N PHE A 219 5.65 8.60 0.22
CA PHE A 219 5.34 8.60 1.64
C PHE A 219 6.60 8.60 2.50
N GLY A 220 7.50 7.65 2.21
CA GLY A 220 8.76 7.47 2.94
C GLY A 220 9.63 8.71 2.94
N LEU A 221 9.77 9.33 1.77
CA LEU A 221 10.53 10.59 1.63
C LEU A 221 10.01 11.72 2.49
N ILE A 222 8.69 11.87 2.55
CA ILE A 222 8.10 12.86 3.43
C ILE A 222 8.41 12.57 4.90
N LEU A 223 8.21 11.33 5.31
CA LEU A 223 8.36 10.92 6.71
C LEU A 223 9.81 11.01 7.16
N LEU A 224 10.70 10.40 6.35
CA LEU A 224 12.08 10.21 6.76
C LEU A 224 12.92 11.46 6.67
N ARG A 225 12.44 12.49 5.95
CA ARG A 225 13.09 13.80 5.88
C ARG A 225 12.53 14.79 6.84
N SER A 226 11.55 14.44 7.66
CA SER A 226 10.94 15.39 8.57
C SER A 226 11.63 15.35 9.94
N ARG A 227 11.55 16.47 10.66
CA ARG A 227 12.01 16.55 12.04
C ARG A 227 11.16 15.74 13.02
N ALA A 228 9.90 15.51 12.66
CA ALA A 228 8.92 14.76 13.47
C ALA A 228 9.36 13.41 14.06
N ILE A 229 10.30 12.71 13.40
CA ILE A 229 10.72 11.33 13.75
C ILE A 229 11.94 11.31 14.73
N PHE A 230 12.52 12.47 14.95
CA PHE A 230 13.61 12.71 15.94
C PHE A 230 13.02 13.22 17.25
#